data_4GQ4
#
_entry.id   4GQ4
#
_cell.length_a   49.044
_cell.length_b   80.160
_cell.length_c   124.812
_cell.angle_alpha   90.00
_cell.angle_beta   90.00
_cell.angle_gamma   90.00
#
_symmetry.space_group_name_H-M   'P 21 21 21'
#
loop_
_entity.id
_entity.type
_entity.pdbx_description
1 polymer Menin
2 non-polymer 4-[4-(5,5-dimethyl-4,5-dihydro-1,3-thiazol-2-yl)piperazin-1-yl]-6-(2,2,2-trifluoroethyl)thieno[2,3-d]pyrimidine
3 non-polymer 'UNKNOWN ATOM OR ION'
4 non-polymer '4-(2-HYDROXYETHYL)-1-PIPERAZINE ETHANESULFONIC ACID'
5 non-polymer 'SULFATE ION'
6 non-polymer 2-{2-[2-(2-{2-[2-(2-ETHOXY-ETHOXY)-ETHOXY]-ETHOXY}-ETHOXY)-ETHOXY]-ETHOXY}-ETHANOL
7 non-polymer 'DIMETHYL SULFOXIDE'
8 water water
#
_entity_poly.entity_id   1
_entity_poly.type   'polypeptide(L)'
_entity_poly.pdbx_seq_one_letter_code
;GGSSSMGLKAAQKTLFPLRSIDDVVRLFAAELGREEPDLVLLSLVLGFVEHFLAVNRVGLTYFPVADLSIIAALYARFTA
QIRGAVDLSLYPREGGVSSRELVKKVSDVIWNSLSRSYFKDRAHIQSLFSFITGTKLDSSGVAFAVVGACQALGLRDVHL
ALSEDHAWVVFGPNGEQTAEVTWHGKGNEDRRGQTVNAGVAERSWLYLKGSYMRCDRKMEVAFMVCAINPSIDLHTDSLE
LLQLQQKLLWLLYDLGHLERYPMALGNLADLEELEPTPGRPDPLTLYHKGIASAKTYYRDEHIYPYMYLAGYHCRNRNVR
EALQAWADTATVIQDYNYCREDEEIYKEFFEVANDVIPNLLKEAASLLEAGSQGSALQDPECFAHLLRFYDGICKWEEGS
PTPVLHVGWATFLVQSLGRFEGQVRQKVRIVSVPAPAASPPPEGPVLTFQSEKMKGMKELLVATKINSSAIKLQLTAQSQ
VQMKKQKVS
;
_entity_poly.pdbx_strand_id   A
#
# COMPACT_ATOMS: atom_id res chain seq x y z
N GLY A 7 27.56 -19.23 -0.50
CA GLY A 7 26.77 -20.45 -0.87
C GLY A 7 25.59 -20.83 0.03
N LEU A 8 24.72 -21.68 -0.53
CA LEU A 8 23.62 -22.33 0.24
C LEU A 8 24.23 -23.36 1.15
N LYS A 9 23.65 -23.49 2.33
CA LYS A 9 24.04 -24.44 3.31
C LYS A 9 23.32 -25.76 3.06
N ALA A 10 23.94 -26.88 3.49
CA ALA A 10 23.33 -28.16 3.38
C ALA A 10 21.89 -28.20 3.84
N ALA A 11 21.61 -27.59 4.99
CA ALA A 11 20.24 -27.61 5.61
C ALA A 11 19.19 -26.89 4.77
N GLN A 12 19.63 -25.91 3.98
CA GLN A 12 18.73 -25.15 3.10
C GLN A 12 18.36 -25.95 1.86
N LYS A 13 19.10 -27.02 1.57
CA LYS A 13 18.97 -27.79 0.37
C LYS A 13 18.05 -28.98 0.48
N THR A 14 17.83 -29.45 1.70
CA THR A 14 17.23 -30.75 1.89
C THR A 14 15.78 -30.86 1.44
N LEU A 15 15.02 -29.77 1.31
CA LEU A 15 13.61 -29.90 0.83
C LEU A 15 13.44 -29.98 -0.67
N PHE A 16 14.47 -29.61 -1.38
CA PHE A 16 14.43 -29.72 -2.83
C PHE A 16 14.39 -31.17 -3.32
N PRO A 17 13.67 -31.42 -4.42
CA PRO A 17 12.96 -30.45 -5.27
C PRO A 17 11.63 -30.03 -4.69
N LEU A 18 11.23 -28.80 -4.98
CA LEU A 18 9.92 -28.32 -4.56
C LEU A 18 8.91 -28.69 -5.64
N ARG A 19 7.97 -29.55 -5.28
CA ARG A 19 7.04 -30.16 -6.28
C ARG A 19 5.65 -29.65 -6.20
N SER A 20 5.35 -28.77 -5.22
CA SER A 20 3.98 -28.32 -4.98
C SER A 20 4.02 -27.01 -4.16
N ILE A 21 2.86 -26.36 -4.15
CA ILE A 21 2.60 -25.20 -3.29
C ILE A 21 3.04 -25.52 -1.89
N ASP A 22 2.63 -26.65 -1.34
CA ASP A 22 2.93 -27.01 0.02
C ASP A 22 4.39 -27.19 0.26
N ASP A 23 5.14 -27.70 -0.71
CA ASP A 23 6.61 -27.78 -0.59
C ASP A 23 7.24 -26.38 -0.51
N VAL A 24 6.69 -25.43 -1.26
CA VAL A 24 7.20 -24.06 -1.15
C VAL A 24 6.93 -23.49 0.28
N VAL A 25 5.75 -23.72 0.79
CA VAL A 25 5.38 -23.29 2.16
C VAL A 25 6.34 -23.94 3.13
N ARG A 26 6.69 -25.21 2.96
CA ARG A 26 7.65 -25.88 3.86
C ARG A 26 9.00 -25.19 3.83
N LEU A 27 9.44 -24.80 2.65
CA LEU A 27 10.68 -24.08 2.56
C LEU A 27 10.64 -22.75 3.33
N PHE A 28 9.57 -21.99 3.14
CA PHE A 28 9.43 -20.76 3.88
C PHE A 28 9.40 -21.01 5.35
N ALA A 29 8.68 -22.03 5.79
CA ALA A 29 8.65 -22.34 7.21
C ALA A 29 10.04 -22.64 7.76
N ALA A 30 10.84 -23.42 7.03
CA ALA A 30 12.15 -23.79 7.45
C ALA A 30 13.01 -22.53 7.53
N GLU A 31 12.99 -21.68 6.51
CA GLU A 31 13.79 -20.50 6.51
C GLU A 31 13.37 -19.49 7.61
N LEU A 32 12.07 -19.41 7.89
CA LEU A 32 11.59 -18.52 8.93
C LEU A 32 12.00 -19.01 10.33
N GLY A 33 12.36 -20.28 10.45
CA GLY A 33 12.84 -20.91 11.70
C GLY A 33 14.31 -20.75 11.86
N ARG A 34 15.01 -20.20 10.87
CA ARG A 34 16.48 -20.03 10.93
C ARG A 34 16.83 -18.67 11.53
N GLU A 35 18.10 -18.56 11.94
CA GLU A 35 18.57 -17.32 12.55
C GLU A 35 18.14 -16.14 11.69
N GLU A 36 18.40 -16.18 10.36
CA GLU A 36 18.18 -15.17 9.32
C GLU A 36 17.62 -15.82 8.06
N PRO A 37 16.30 -15.74 7.79
CA PRO A 37 15.83 -16.33 6.55
C PRO A 37 16.56 -15.76 5.39
N ASP A 38 16.81 -16.63 4.37
CA ASP A 38 17.65 -16.25 3.25
C ASP A 38 16.79 -15.58 2.18
N LEU A 39 16.87 -14.25 2.12
CA LEU A 39 15.98 -13.49 1.25
C LEU A 39 16.24 -13.81 -0.21
N VAL A 40 17.49 -14.04 -0.57
CA VAL A 40 17.88 -14.32 -1.96
C VAL A 40 17.28 -15.67 -2.41
N LEU A 41 17.41 -16.69 -1.60
CA LEU A 41 16.83 -17.96 -1.89
C LEU A 41 15.36 -17.87 -2.09
N LEU A 42 14.70 -17.23 -1.12
CA LEU A 42 13.24 -17.20 -1.11
C LEU A 42 12.71 -16.38 -2.28
N SER A 43 13.32 -15.26 -2.63
CA SER A 43 12.87 -14.46 -3.73
C SER A 43 13.08 -15.20 -5.08
N LEU A 44 14.22 -15.85 -5.24
CA LEU A 44 14.44 -16.65 -6.43
C LEU A 44 13.40 -17.72 -6.57
N VAL A 45 13.07 -18.44 -5.52
CA VAL A 45 12.02 -19.48 -5.58
C VAL A 45 10.70 -18.88 -5.96
N LEU A 46 10.25 -17.80 -5.31
CA LEU A 46 8.96 -17.21 -5.66
C LEU A 46 8.95 -16.72 -7.08
N GLY A 47 10.05 -16.13 -7.53
CA GLY A 47 10.06 -15.62 -8.90
C GLY A 47 10.07 -16.71 -9.94
N PHE A 48 10.75 -17.81 -9.65
CA PHE A 48 10.75 -18.98 -10.52
C PHE A 48 9.31 -19.52 -10.64
N VAL A 49 8.63 -19.77 -9.54
N VAL A 49 8.70 -19.74 -9.49
CA VAL A 49 7.30 -20.36 -9.66
CA VAL A 49 7.37 -20.31 -9.41
C VAL A 49 6.38 -19.33 -10.30
C VAL A 49 6.33 -19.41 -10.09
N GLU A 50 6.45 -18.09 -9.91
CA GLU A 50 5.62 -17.08 -10.55
C GLU A 50 5.84 -17.02 -12.06
N HIS A 51 7.06 -17.15 -12.49
CA HIS A 51 7.31 -17.10 -13.90
C HIS A 51 6.60 -18.25 -14.63
N PHE A 52 6.65 -19.44 -14.08
CA PHE A 52 6.08 -20.64 -14.70
C PHE A 52 4.62 -20.86 -14.40
N LEU A 53 4.02 -20.07 -13.50
CA LEU A 53 2.59 -20.09 -13.25
C LEU A 53 1.84 -18.91 -13.85
N ALA A 54 2.51 -17.77 -14.07
CA ALA A 54 1.88 -16.56 -14.57
C ALA A 54 2.42 -15.98 -15.85
N VAL A 55 3.71 -16.08 -16.08
CA VAL A 55 4.32 -15.48 -17.24
C VAL A 55 4.31 -16.42 -18.43
N ASN A 56 4.64 -17.65 -18.20
CA ASN A 56 4.69 -18.69 -19.26
C ASN A 56 4.22 -20.02 -18.68
N ARG A 57 2.98 -20.38 -18.95
CA ARG A 57 2.38 -21.62 -18.50
C ARG A 57 2.48 -22.78 -19.52
N VAL A 58 3.27 -22.61 -20.57
CA VAL A 58 3.38 -23.69 -21.54
C VAL A 58 3.93 -24.93 -20.93
N GLY A 59 3.23 -26.03 -21.12
CA GLY A 59 3.68 -27.27 -20.58
C GLY A 59 3.26 -27.56 -19.16
N LEU A 60 2.66 -26.60 -18.48
CA LEU A 60 2.29 -26.82 -17.09
C LEU A 60 1.28 -27.98 -16.98
N THR A 61 1.49 -28.86 -16.03
CA THR A 61 0.56 -29.92 -15.77
C THR A 61 0.05 -29.91 -14.31
N TYR A 62 0.81 -29.33 -13.39
CA TYR A 62 0.38 -29.25 -11.99
C TYR A 62 1.11 -28.10 -11.28
N PHE A 63 2.42 -28.20 -11.24
CA PHE A 63 3.27 -27.23 -10.51
C PHE A 63 4.63 -27.25 -11.15
N PRO A 64 5.26 -26.07 -11.34
CA PRO A 64 6.63 -26.07 -11.94
C PRO A 64 7.64 -26.54 -10.89
N VAL A 65 8.13 -27.74 -11.07
CA VAL A 65 9.07 -28.30 -10.11
C VAL A 65 10.34 -27.46 -10.07
N ALA A 66 10.71 -27.03 -8.85
CA ALA A 66 11.93 -26.25 -8.63
C ALA A 66 13.01 -27.20 -8.13
N ASP A 67 13.90 -27.56 -9.07
CA ASP A 67 15.02 -28.40 -8.79
C ASP A 67 16.12 -27.60 -8.14
N LEU A 68 16.82 -28.27 -7.24
CA LEU A 68 17.93 -27.63 -6.60
C LEU A 68 18.97 -27.11 -7.55
N SER A 69 19.29 -27.89 -8.60
CA SER A 69 20.30 -27.44 -9.53
C SER A 69 19.98 -26.12 -10.17
N ILE A 70 18.69 -25.96 -10.52
CA ILE A 70 18.21 -24.75 -11.20
C ILE A 70 18.27 -23.53 -10.21
N ILE A 71 17.73 -23.72 -8.99
CA ILE A 71 17.71 -22.66 -8.00
C ILE A 71 19.12 -22.30 -7.58
N ALA A 72 19.96 -23.32 -7.33
CA ALA A 72 21.32 -23.07 -6.93
C ALA A 72 22.09 -22.30 -7.97
N ALA A 73 21.85 -22.57 -9.27
CA ALA A 73 22.58 -21.85 -10.33
C ALA A 73 22.14 -20.36 -10.37
N LEU A 74 20.84 -20.10 -10.19
CA LEU A 74 20.31 -18.72 -10.09
C LEU A 74 20.96 -17.98 -8.87
N TYR A 75 21.00 -18.69 -7.77
CA TYR A 75 21.58 -18.15 -6.53
C TYR A 75 23.04 -17.78 -6.71
N ALA A 76 23.80 -18.68 -7.38
CA ALA A 76 25.17 -18.44 -7.70
C ALA A 76 25.37 -17.27 -8.64
N ARG A 77 24.47 -17.05 -9.61
N ARG A 77 24.45 -17.10 -9.61
CA ARG A 77 24.67 -15.88 -10.47
CA ARG A 77 24.55 -15.96 -10.51
C ARG A 77 24.45 -14.58 -9.68
C ARG A 77 24.50 -14.68 -9.62
N PHE A 78 23.48 -14.60 -8.78
CA PHE A 78 23.26 -13.43 -7.95
C PHE A 78 24.49 -13.13 -7.02
N THR A 79 24.85 -14.12 -6.26
CA THR A 79 25.94 -13.93 -5.30
C THR A 79 27.24 -13.59 -6.01
N ALA A 80 27.51 -14.22 -7.18
CA ALA A 80 28.72 -13.87 -7.97
C ALA A 80 28.70 -12.41 -8.41
N GLN A 81 27.55 -11.95 -8.88
CA GLN A 81 27.41 -10.60 -9.43
C GLN A 81 27.69 -9.58 -8.26
N ILE A 82 27.14 -9.85 -7.09
CA ILE A 82 27.28 -8.90 -5.94
C ILE A 82 28.66 -8.96 -5.34
N ARG A 83 29.15 -10.18 -5.08
CA ARG A 83 30.44 -10.30 -4.41
C ARG A 83 31.57 -9.81 -5.32
N GLY A 84 31.41 -10.02 -6.62
CA GLY A 84 32.43 -9.55 -7.55
C GLY A 84 32.47 -8.03 -7.68
N ALA A 85 31.30 -7.39 -7.54
CA ALA A 85 31.20 -5.97 -7.77
C ALA A 85 31.38 -5.11 -6.55
N VAL A 86 31.19 -5.68 -5.36
CA VAL A 86 31.25 -4.90 -4.08
C VAL A 86 32.43 -5.54 -3.28
N ASP A 87 33.52 -4.81 -3.24
CA ASP A 87 34.71 -5.20 -2.52
C ASP A 87 34.59 -4.59 -1.07
N LEU A 88 34.21 -5.41 -0.12
CA LEU A 88 33.99 -4.97 1.27
C LEU A 88 35.21 -4.38 1.96
N SER A 89 36.45 -4.72 1.50
CA SER A 89 37.63 -4.18 2.09
C SER A 89 37.78 -2.68 1.85
N LEU A 90 37.06 -2.14 0.86
CA LEU A 90 37.10 -0.73 0.58
C LEU A 90 36.20 0.08 1.50
N TYR A 91 35.34 -0.63 2.25
CA TYR A 91 34.26 -0.04 3.10
C TYR A 91 34.30 -0.72 4.51
N PRO A 92 35.37 -0.46 5.26
CA PRO A 92 35.47 -1.15 6.57
C PRO A 92 34.23 -0.91 7.42
N ARG A 93 33.69 -1.97 8.03
N ARG A 93 33.71 -1.95 8.03
CA ARG A 93 32.47 -1.88 8.86
CA ARG A 93 32.52 -1.78 8.86
C ARG A 93 32.81 -1.48 10.29
C ARG A 93 32.95 -1.44 10.27
N GLU A 94 32.76 -0.17 10.55
CA GLU A 94 32.95 0.36 11.87
C GLU A 94 31.81 -0.13 12.81
N GLY A 95 32.14 -0.96 13.81
CA GLY A 95 31.16 -1.42 14.85
C GLY A 95 30.13 -2.48 14.44
N GLY A 96 30.46 -3.31 13.46
CA GLY A 96 29.54 -4.35 13.00
C GLY A 96 28.35 -3.73 12.22
N VAL A 97 28.47 -2.44 11.84
CA VAL A 97 27.46 -1.73 11.05
C VAL A 97 28.01 -1.12 9.78
N SER A 98 27.09 -0.89 8.83
CA SER A 98 27.44 -0.49 7.49
C SER A 98 27.53 1.02 7.35
N SER A 99 28.23 1.47 6.36
CA SER A 99 28.38 2.88 6.04
C SER A 99 27.46 3.32 4.90
N ARG A 100 27.19 4.63 4.81
CA ARG A 100 26.40 5.16 3.73
C ARG A 100 27.04 4.85 2.38
N GLU A 101 28.35 4.94 2.27
CA GLU A 101 29.06 4.68 1.02
C GLU A 101 28.87 3.26 0.58
N LEU A 102 28.88 2.33 1.48
CA LEU A 102 28.68 0.92 1.15
C LEU A 102 27.25 0.69 0.68
N VAL A 103 26.24 1.24 1.35
CA VAL A 103 24.86 1.11 0.91
C VAL A 103 24.69 1.71 -0.48
N LYS A 104 25.25 2.86 -0.75
CA LYS A 104 25.15 3.51 -2.04
C LYS A 104 25.84 2.64 -3.09
N LYS A 105 26.98 2.02 -2.75
CA LYS A 105 27.63 1.12 -3.74
C LYS A 105 26.75 -0.04 -4.09
N VAL A 106 26.12 -0.66 -3.13
CA VAL A 106 25.25 -1.79 -3.41
C VAL A 106 24.08 -1.31 -4.30
N SER A 107 23.45 -0.16 -3.96
CA SER A 107 22.43 0.39 -4.79
C SER A 107 22.90 0.61 -6.21
N ASP A 108 24.07 1.18 -6.39
CA ASP A 108 24.60 1.42 -7.69
C ASP A 108 24.81 0.10 -8.47
N VAL A 109 25.29 -0.94 -7.80
CA VAL A 109 25.52 -2.22 -8.47
C VAL A 109 24.21 -2.75 -9.01
N ILE A 110 23.15 -2.73 -8.21
CA ILE A 110 21.86 -3.22 -8.67
C ILE A 110 21.32 -2.36 -9.82
N TRP A 111 21.32 -1.06 -9.61
CA TRP A 111 20.77 -0.12 -10.53
C TRP A 111 21.46 -0.15 -11.88
N ASN A 112 22.78 -0.22 -11.87
CA ASN A 112 23.57 -0.24 -13.09
C ASN A 112 23.41 -1.54 -13.88
N SER A 113 22.92 -2.57 -13.24
CA SER A 113 22.70 -3.91 -13.86
C SER A 113 21.44 -3.95 -14.70
N LEU A 114 20.54 -3.01 -14.55
CA LEU A 114 19.22 -3.07 -15.12
C LEU A 114 19.27 -2.66 -16.60
N SER A 115 18.38 -3.30 -17.36
CA SER A 115 18.23 -2.97 -18.79
C SER A 115 18.01 -1.47 -18.90
N ARG A 116 18.52 -0.92 -20.02
CA ARG A 116 18.62 0.53 -20.23
C ARG A 116 17.24 1.10 -20.37
N SER A 117 16.36 0.30 -20.98
CA SER A 117 15.03 0.73 -21.35
C SER A 117 14.04 -0.42 -21.16
N TYR A 118 13.05 -0.16 -20.34
CA TYR A 118 11.92 -1.07 -20.18
C TYR A 118 10.79 -0.42 -19.44
N PHE A 119 9.60 -0.99 -19.55
CA PHE A 119 8.44 -0.45 -18.85
C PHE A 119 8.49 -0.86 -17.38
N LYS A 120 8.53 0.12 -16.48
CA LYS A 120 8.73 -0.12 -15.01
C LYS A 120 7.47 -0.52 -14.29
N ASP A 121 6.31 -0.34 -14.90
N ASP A 121 6.32 -0.34 -14.93
CA ASP A 121 5.00 -0.70 -14.30
CA ASP A 121 5.00 -0.67 -14.39
C ASP A 121 4.55 -2.13 -14.67
C ASP A 121 4.63 -2.16 -14.54
N ARG A 122 5.39 -2.86 -15.39
CA ARG A 122 5.08 -4.23 -15.81
C ARG A 122 4.90 -5.13 -14.55
N ALA A 123 4.07 -6.14 -14.69
CA ALA A 123 3.89 -7.23 -13.74
C ALA A 123 5.10 -8.12 -13.80
N HIS A 124 5.38 -8.78 -12.70
CA HIS A 124 6.32 -9.87 -12.63
C HIS A 124 7.75 -9.45 -12.81
N ILE A 125 8.06 -8.20 -12.43
CA ILE A 125 9.44 -7.74 -12.44
C ILE A 125 9.88 -7.31 -11.00
N GLN A 126 9.36 -8.03 -10.03
CA GLN A 126 9.58 -7.65 -8.62
C GLN A 126 10.66 -8.47 -7.96
N SER A 127 10.96 -9.68 -8.45
CA SER A 127 11.77 -10.64 -7.77
C SER A 127 13.16 -10.70 -8.28
N LEU A 128 14.02 -11.40 -7.49
CA LEU A 128 15.38 -11.59 -7.95
C LEU A 128 15.46 -12.51 -9.20
N PHE A 129 14.44 -13.34 -9.40
CA PHE A 129 14.35 -14.10 -10.69
C PHE A 129 14.32 -13.17 -11.86
N SER A 130 13.49 -12.14 -11.76
CA SER A 130 13.40 -11.14 -12.82
C SER A 130 14.75 -10.45 -13.00
N PHE A 131 15.37 -10.03 -11.89
CA PHE A 131 16.63 -9.32 -11.97
C PHE A 131 17.69 -10.18 -12.70
N ILE A 132 17.77 -11.45 -12.35
CA ILE A 132 18.82 -12.31 -12.97
C ILE A 132 18.49 -12.68 -14.42
N THR A 133 17.24 -13.06 -14.68
CA THR A 133 16.91 -13.59 -16.01
C THR A 133 16.52 -12.53 -17.03
N GLY A 134 15.99 -11.39 -16.57
CA GLY A 134 15.55 -10.35 -17.42
C GLY A 134 16.22 -9.01 -17.28
N THR A 135 17.10 -8.90 -16.26
CA THR A 135 17.72 -7.63 -15.89
C THR A 135 16.70 -6.47 -15.74
N LYS A 136 15.58 -6.82 -15.11
CA LYS A 136 14.50 -5.85 -14.87
C LYS A 136 14.01 -6.00 -13.46
N LEU A 137 13.78 -4.80 -12.87
CA LEU A 137 13.17 -4.66 -11.55
C LEU A 137 12.24 -3.42 -11.55
N ASP A 138 11.15 -3.57 -10.84
CA ASP A 138 10.31 -2.41 -10.51
C ASP A 138 10.95 -1.61 -9.36
N SER A 139 10.37 -0.47 -9.03
CA SER A 139 10.97 0.45 -8.08
C SER A 139 11.27 -0.21 -6.75
N SER A 140 10.27 -0.76 -6.12
CA SER A 140 10.46 -1.36 -4.81
C SER A 140 11.27 -2.63 -4.92
N GLY A 141 11.23 -3.27 -6.09
CA GLY A 141 12.08 -4.43 -6.34
C GLY A 141 13.54 -4.11 -6.22
N VAL A 142 13.96 -2.97 -6.67
CA VAL A 142 15.34 -2.50 -6.48
C VAL A 142 15.69 -2.40 -5.01
N ALA A 143 14.84 -1.80 -4.21
CA ALA A 143 15.10 -1.69 -2.77
C ALA A 143 15.21 -3.05 -2.17
N PHE A 144 14.32 -3.96 -2.46
CA PHE A 144 14.39 -5.30 -1.93
C PHE A 144 15.71 -5.98 -2.35
N ALA A 145 16.08 -5.83 -3.60
CA ALA A 145 17.32 -6.45 -4.10
C ALA A 145 18.56 -5.90 -3.39
N VAL A 146 18.56 -4.63 -3.06
CA VAL A 146 19.63 -4.06 -2.29
C VAL A 146 19.70 -4.70 -0.92
N VAL A 147 18.59 -4.88 -0.25
CA VAL A 147 18.59 -5.53 1.02
C VAL A 147 19.05 -6.98 0.89
N GLY A 148 18.56 -7.71 -0.10
CA GLY A 148 19.03 -9.09 -0.28
C GLY A 148 20.51 -9.16 -0.58
N ALA A 149 21.03 -8.27 -1.37
CA ALA A 149 22.45 -8.18 -1.69
C ALA A 149 23.21 -7.92 -0.40
N CYS A 150 22.77 -6.96 0.41
CA CYS A 150 23.46 -6.67 1.66
C CYS A 150 23.43 -7.84 2.60
N GLN A 151 22.36 -8.61 2.68
CA GLN A 151 22.32 -9.83 3.50
C GLN A 151 23.32 -10.84 2.96
N ALA A 152 23.43 -10.99 1.64
CA ALA A 152 24.38 -11.90 1.00
C ALA A 152 25.80 -11.52 1.40
N LEU A 153 26.07 -10.24 1.52
CA LEU A 153 27.39 -9.66 1.89
C LEU A 153 27.70 -9.75 3.39
N GLY A 154 26.75 -10.18 4.21
CA GLY A 154 26.91 -10.20 5.68
C GLY A 154 26.54 -8.95 6.43
N LEU A 155 25.85 -8.02 5.79
CA LEU A 155 25.55 -6.70 6.34
C LEU A 155 24.21 -6.77 7.08
N ARG A 156 24.24 -7.24 8.31
CA ARG A 156 23.05 -7.63 9.11
C ARG A 156 22.20 -6.42 9.50
N ASP A 157 22.79 -5.25 9.40
CA ASP A 157 22.15 -4.01 9.81
C ASP A 157 21.27 -3.36 8.75
N VAL A 158 21.38 -3.79 7.50
CA VAL A 158 20.69 -3.13 6.42
C VAL A 158 19.31 -3.76 6.29
N HIS A 159 18.28 -2.94 6.39
CA HIS A 159 16.90 -3.41 6.38
C HIS A 159 16.03 -2.57 5.50
N LEU A 160 14.99 -3.20 5.03
CA LEU A 160 13.99 -2.52 4.19
C LEU A 160 13.08 -1.56 5.00
N ALA A 161 12.92 -0.36 4.48
CA ALA A 161 12.01 0.60 5.07
C ALA A 161 10.88 0.81 4.02
N LEU A 162 9.66 0.85 4.47
CA LEU A 162 8.52 0.90 3.58
C LEU A 162 7.51 1.96 4.05
N SER A 163 7.12 2.82 3.10
CA SER A 163 5.91 3.59 3.30
C SER A 163 4.78 2.97 2.50
N GLU A 164 3.64 3.67 2.40
CA GLU A 164 2.52 3.16 1.64
C GLU A 164 2.75 3.27 0.12
N ASP A 165 3.72 4.07 -0.32
CA ASP A 165 3.99 4.23 -1.75
C ASP A 165 5.45 4.22 -2.13
N HIS A 166 6.38 3.89 -1.21
CA HIS A 166 7.80 3.93 -1.53
C HIS A 166 8.56 2.96 -0.60
N ALA A 167 9.82 2.72 -0.97
CA ALA A 167 10.74 1.81 -0.24
C ALA A 167 12.10 2.42 -0.28
N TRP A 168 12.84 2.20 0.84
CA TRP A 168 14.24 2.63 0.96
C TRP A 168 14.89 1.66 1.95
N VAL A 169 16.07 2.07 2.51
CA VAL A 169 16.69 1.22 3.52
C VAL A 169 17.04 2.04 4.77
N VAL A 170 17.11 1.28 5.87
CA VAL A 170 17.65 1.77 7.14
C VAL A 170 18.93 0.96 7.42
N PHE A 171 19.86 1.55 8.15
CA PHE A 171 21.14 0.88 8.38
C PHE A 171 21.88 1.63 9.48
N GLY A 172 23.08 1.15 9.84
CA GLY A 172 24.04 1.98 10.58
C GLY A 172 23.85 1.75 12.08
N PRO A 173 24.50 2.68 12.85
CA PRO A 173 24.41 2.62 14.30
C PRO A 173 22.97 2.61 14.76
N ASN A 174 22.55 1.63 15.52
CA ASN A 174 21.20 1.50 16.05
C ASN A 174 20.14 1.43 14.97
N GLY A 175 20.51 1.15 13.73
CA GLY A 175 19.61 1.16 12.62
C GLY A 175 19.01 2.51 12.31
N GLU A 176 19.66 3.57 12.74
CA GLU A 176 19.05 4.92 12.72
C GLU A 176 19.26 5.72 11.47
N GLN A 177 20.13 5.30 10.56
CA GLN A 177 20.33 5.97 9.31
C GLN A 177 19.29 5.51 8.27
N THR A 178 18.95 6.43 7.38
CA THR A 178 18.12 6.13 6.20
C THR A 178 18.89 6.45 4.96
N ALA A 179 18.64 5.64 3.90
CA ALA A 179 19.18 5.95 2.59
C ALA A 179 18.19 5.52 1.50
N GLU A 180 17.97 6.47 0.59
CA GLU A 180 17.26 6.16 -0.66
C GLU A 180 18.16 5.22 -1.45
N VAL A 181 17.52 4.22 -2.06
CA VAL A 181 18.26 3.20 -2.89
C VAL A 181 17.59 2.97 -4.21
N THR A 182 16.40 3.53 -4.45
CA THR A 182 15.65 3.32 -5.68
C THR A 182 15.00 4.64 -6.11
N TRP A 183 14.29 4.66 -7.24
CA TRP A 183 13.53 5.80 -7.68
C TRP A 183 12.17 5.75 -7.09
N HIS A 184 11.46 6.91 -7.20
CA HIS A 184 10.03 6.95 -6.91
C HIS A 184 9.25 7.69 -7.97
N GLY A 185 8.18 7.05 -8.43
CA GLY A 185 7.31 7.59 -9.44
C GLY A 185 7.99 7.75 -10.77
N LYS A 186 7.45 8.66 -11.55
CA LYS A 186 7.89 8.89 -12.90
C LYS A 186 8.17 10.34 -12.96
N GLY A 187 9.34 10.68 -13.42
CA GLY A 187 9.67 12.10 -13.68
C GLY A 187 10.10 12.90 -12.45
N ASN A 188 10.46 12.17 -11.41
CA ASN A 188 11.07 12.78 -10.25
C ASN A 188 12.60 12.57 -10.35
N GLU A 189 13.41 13.46 -9.80
CA GLU A 189 14.87 13.28 -9.85
C GLU A 189 15.39 12.26 -8.86
N ASP A 190 16.34 11.39 -9.33
CA ASP A 190 16.97 10.36 -8.48
C ASP A 190 17.52 11.05 -7.15
N ARG A 191 17.29 10.45 -5.98
CA ARG A 191 17.94 10.91 -4.73
C ARG A 191 18.63 9.80 -3.99
N ARG A 192 19.09 8.82 -4.73
CA ARG A 192 19.71 7.67 -4.15
C ARG A 192 20.91 8.12 -3.33
N GLY A 193 21.04 7.53 -2.17
CA GLY A 193 22.12 7.88 -1.27
C GLY A 193 21.77 8.90 -0.22
N GLN A 194 20.69 9.63 -0.39
CA GLN A 194 20.30 10.66 0.57
C GLN A 194 19.42 10.08 1.64
N THR A 195 19.28 10.81 2.73
CA THR A 195 18.34 10.48 3.75
C THR A 195 16.88 10.77 3.28
N VAL A 196 15.94 10.35 4.10
CA VAL A 196 14.53 10.70 3.93
C VAL A 196 14.05 11.86 4.85
N ASN A 197 15.02 12.56 5.47
CA ASN A 197 14.67 13.59 6.48
C ASN A 197 13.88 14.74 5.94
N ALA A 198 14.20 15.22 4.75
CA ALA A 198 13.41 16.33 4.19
C ALA A 198 11.96 15.96 4.02
N GLY A 199 11.73 14.73 3.54
CA GLY A 199 10.41 14.25 3.33
C GLY A 199 9.61 14.05 4.56
N VAL A 200 10.26 13.52 5.61
CA VAL A 200 9.64 13.39 6.92
C VAL A 200 9.27 14.79 7.44
N ALA A 201 10.21 15.73 7.37
CA ALA A 201 10.02 17.08 7.92
C ALA A 201 8.89 17.82 7.21
N GLU A 202 8.69 17.57 5.93
CA GLU A 202 7.63 18.26 5.21
C GLU A 202 6.27 17.68 5.42
N ARG A 203 6.15 16.57 6.16
CA ARG A 203 4.92 15.98 6.54
C ARG A 203 4.11 15.51 5.31
N SER A 204 4.83 15.02 4.29
CA SER A 204 4.19 14.36 3.15
C SER A 204 3.64 12.97 3.52
N TRP A 205 2.64 12.56 2.77
CA TRP A 205 2.17 11.17 2.87
C TRP A 205 3.28 10.20 2.50
N LEU A 206 4.10 10.54 1.53
CA LEU A 206 5.12 9.61 1.05
C LEU A 206 6.00 9.06 2.16
N TYR A 207 6.37 9.87 3.17
CA TYR A 207 7.24 9.44 4.24
C TYR A 207 6.53 9.30 5.57
N LEU A 208 5.19 9.40 5.60
CA LEU A 208 4.38 9.04 6.69
C LEU A 208 4.75 9.76 8.02
N LYS A 209 5.28 10.97 7.88
CA LYS A 209 5.65 11.74 9.09
C LYS A 209 6.63 10.95 9.95
N GLY A 210 7.38 10.04 9.34
CA GLY A 210 8.32 9.16 10.06
C GLY A 210 7.74 7.90 10.60
N SER A 211 6.45 7.68 10.45
CA SER A 211 5.74 6.52 10.93
C SER A 211 5.66 5.40 9.82
N TYR A 212 6.78 5.27 9.14
CA TYR A 212 7.01 4.21 8.13
C TYR A 212 7.44 2.92 8.78
N MET A 213 7.41 1.83 8.04
CA MET A 213 7.81 0.55 8.53
C MET A 213 9.32 0.36 8.43
N ARG A 214 9.90 -0.09 9.52
CA ARG A 214 11.32 -0.47 9.55
C ARG A 214 11.28 -2.00 9.69
N CYS A 215 11.57 -2.72 8.62
CA CYS A 215 11.43 -4.16 8.64
C CYS A 215 12.58 -4.85 9.37
N ASP A 216 12.23 -5.92 10.03
CA ASP A 216 13.21 -6.97 10.37
C ASP A 216 13.24 -7.98 9.22
N ARG A 217 14.07 -9.01 9.32
CA ARG A 217 14.20 -9.98 8.26
C ARG A 217 12.88 -10.68 7.98
N LYS A 218 12.11 -10.95 9.01
CA LYS A 218 10.88 -11.67 8.81
C LYS A 218 9.84 -10.82 8.06
N MET A 219 9.80 -9.50 8.35
CA MET A 219 8.93 -8.59 7.64
C MET A 219 9.38 -8.45 6.20
N GLU A 220 10.68 -8.56 5.91
CA GLU A 220 11.15 -8.56 4.54
C GLU A 220 10.65 -9.81 3.77
N VAL A 221 10.56 -10.93 4.45
CA VAL A 221 9.90 -12.10 3.89
C VAL A 221 8.45 -11.79 3.63
N ALA A 222 7.75 -11.17 4.56
CA ALA A 222 6.35 -10.78 4.35
C ALA A 222 6.23 -9.86 3.13
N PHE A 223 7.13 -8.94 2.93
CA PHE A 223 7.11 -8.04 1.79
C PHE A 223 7.15 -8.84 0.48
N MET A 224 8.09 -9.78 0.38
CA MET A 224 8.20 -10.52 -0.91
C MET A 224 6.99 -11.37 -1.12
N VAL A 225 6.35 -11.87 -0.07
CA VAL A 225 5.10 -12.60 -0.20
C VAL A 225 3.97 -11.68 -0.68
N CYS A 226 3.83 -10.52 -0.08
CA CYS A 226 2.87 -9.54 -0.59
C CYS A 226 3.15 -9.20 -2.04
N ALA A 227 4.42 -9.21 -2.44
CA ALA A 227 4.83 -8.83 -3.76
C ALA A 227 4.50 -9.91 -4.81
N ILE A 228 4.17 -11.12 -4.42
CA ILE A 228 3.72 -12.12 -5.42
C ILE A 228 2.58 -11.48 -6.22
N ASN A 229 2.61 -11.70 -7.53
CA ASN A 229 1.60 -11.19 -8.47
C ASN A 229 0.96 -12.34 -9.21
N PRO A 230 -0.24 -12.76 -8.79
CA PRO A 230 -0.93 -13.87 -9.43
C PRO A 230 -1.51 -13.57 -10.82
N SER A 231 -1.32 -12.36 -11.34
N SER A 231 -1.52 -12.33 -11.28
CA SER A 231 -1.95 -11.96 -12.58
CA SER A 231 -2.25 -12.00 -12.48
C SER A 231 -1.39 -12.73 -13.74
C SER A 231 -1.55 -12.50 -13.75
N ILE A 232 -2.26 -13.34 -14.49
CA ILE A 232 -1.83 -13.88 -15.79
C ILE A 232 -2.09 -12.87 -16.90
N ASP A 233 -3.29 -12.30 -16.86
CA ASP A 233 -3.67 -11.21 -17.75
C ASP A 233 -4.73 -10.36 -17.05
N LEU A 234 -5.37 -9.44 -17.84
CA LEU A 234 -6.37 -8.52 -17.23
C LEU A 234 -7.57 -9.28 -16.60
N HIS A 235 -7.89 -10.42 -17.19
CA HIS A 235 -9.10 -11.16 -16.85
C HIS A 235 -8.85 -12.38 -16.03
N THR A 236 -7.58 -12.76 -15.81
CA THR A 236 -7.28 -14.06 -15.29
C THR A 236 -6.15 -14.03 -14.25
N ASP A 237 -6.42 -14.65 -13.10
CA ASP A 237 -5.39 -14.90 -12.09
C ASP A 237 -5.01 -16.35 -12.00
N SER A 238 -3.75 -16.64 -11.66
CA SER A 238 -3.31 -17.99 -11.34
C SER A 238 -3.91 -18.41 -10.00
N LEU A 239 -4.77 -19.42 -9.99
CA LEU A 239 -5.30 -19.95 -8.78
C LEU A 239 -4.15 -20.49 -7.91
N GLU A 240 -3.12 -21.06 -8.55
CA GLU A 240 -2.00 -21.68 -7.83
C GLU A 240 -1.24 -20.58 -7.06
N LEU A 241 -0.94 -19.46 -7.72
CA LEU A 241 -0.28 -18.37 -7.05
C LEU A 241 -1.15 -17.67 -5.99
N LEU A 242 -2.46 -17.57 -6.18
CA LEU A 242 -3.31 -17.02 -5.13
C LEU A 242 -3.23 -17.93 -3.90
N GLN A 243 -3.35 -19.25 -4.11
CA GLN A 243 -3.26 -20.20 -3.00
C GLN A 243 -1.91 -20.13 -2.29
N LEU A 244 -0.82 -20.09 -3.07
CA LEU A 244 0.51 -19.94 -2.48
C LEU A 244 0.61 -18.69 -1.61
N GLN A 245 0.22 -17.56 -2.17
CA GLN A 245 0.32 -16.31 -1.47
C GLN A 245 -0.50 -16.34 -0.17
N GLN A 246 -1.71 -16.87 -0.26
CA GLN A 246 -2.57 -16.97 0.88
C GLN A 246 -1.98 -17.85 1.98
N LYS A 247 -1.49 -19.02 1.59
CA LYS A 247 -0.86 -19.91 2.55
C LYS A 247 0.39 -19.33 3.21
N LEU A 248 1.18 -18.62 2.44
CA LEU A 248 2.37 -18.02 2.96
C LEU A 248 2.03 -16.86 3.93
N LEU A 249 1.01 -16.10 3.58
CA LEU A 249 0.57 -15.03 4.52
C LEU A 249 0.00 -15.62 5.79
N TRP A 250 -0.72 -16.74 5.77
CA TRP A 250 -1.14 -17.36 6.98
C TRP A 250 0.00 -17.90 7.81
N LEU A 251 1.04 -18.44 7.15
CA LEU A 251 2.23 -18.88 7.88
C LEU A 251 2.85 -17.72 8.65
N LEU A 252 3.06 -16.61 7.94
CA LEU A 252 3.60 -15.39 8.52
C LEU A 252 2.72 -14.91 9.66
N TYR A 253 1.41 -14.90 9.46
CA TYR A 253 0.46 -14.45 10.46
C TYR A 253 0.62 -15.30 11.71
N ASP A 254 0.68 -16.62 11.57
CA ASP A 254 0.71 -17.50 12.74
C ASP A 254 2.01 -17.35 13.55
N LEU A 255 3.09 -17.00 12.86
CA LEU A 255 4.38 -16.80 13.47
C LEU A 255 4.54 -15.43 14.10
N GLY A 256 3.56 -14.51 13.87
CA GLY A 256 3.61 -13.19 14.47
C GLY A 256 4.20 -12.13 13.57
N HIS A 257 4.56 -12.48 12.33
CA HIS A 257 5.30 -11.56 11.46
C HIS A 257 4.47 -10.55 10.68
N LEU A 258 3.14 -10.65 10.85
CA LEU A 258 2.28 -9.62 10.24
C LEU A 258 1.82 -8.59 11.29
N GLU A 259 2.36 -8.68 12.50
N GLU A 259 2.04 -8.82 12.59
CA GLU A 259 1.85 -7.94 13.65
CA GLU A 259 1.59 -7.82 13.64
C GLU A 259 1.90 -6.48 13.38
C GLU A 259 1.91 -6.35 13.37
N ARG A 260 3.00 -6.06 12.75
CA ARG A 260 3.41 -4.71 12.44
C ARG A 260 3.34 -4.35 10.93
N TYR A 261 2.44 -5.09 10.25
CA TYR A 261 2.38 -4.94 8.77
C TYR A 261 0.91 -4.78 8.30
N PRO A 262 0.33 -3.58 8.50
CA PRO A 262 -1.09 -3.35 8.12
C PRO A 262 -1.41 -3.77 6.68
N MET A 263 -0.57 -3.39 5.75
CA MET A 263 -0.95 -3.70 4.37
C MET A 263 -0.99 -5.19 4.07
N ALA A 264 -0.12 -5.97 4.72
CA ALA A 264 -0.17 -7.42 4.57
C ALA A 264 -1.44 -8.01 5.12
N LEU A 265 -1.91 -7.48 6.23
CA LEU A 265 -3.16 -7.90 6.79
C LEU A 265 -4.35 -7.56 5.85
N GLY A 266 -4.29 -6.38 5.24
CA GLY A 266 -5.36 -6.02 4.28
C GLY A 266 -5.29 -6.93 3.04
N ASN A 267 -4.08 -7.18 2.55
N ASN A 267 -4.10 -7.30 2.57
CA ASN A 267 -3.87 -8.10 1.43
CA ASN A 267 -3.94 -8.28 1.43
C ASN A 267 -4.40 -9.51 1.75
C ASN A 267 -4.57 -9.59 1.80
N LEU A 268 -4.19 -10.03 2.97
CA LEU A 268 -4.74 -11.30 3.40
C LEU A 268 -6.26 -11.31 3.46
N ALA A 269 -6.82 -10.24 4.01
CA ALA A 269 -8.24 -10.09 4.12
C ALA A 269 -8.88 -10.15 2.70
N ASP A 270 -8.28 -9.40 1.76
CA ASP A 270 -8.76 -9.42 0.39
C ASP A 270 -8.77 -10.84 -0.21
N LEU A 271 -7.69 -11.59 0.06
CA LEU A 271 -7.61 -12.97 -0.41
C LEU A 271 -8.66 -13.86 0.22
N GLU A 272 -8.88 -13.67 1.51
CA GLU A 272 -9.92 -14.39 2.20
C GLU A 272 -11.33 -14.08 1.70
N GLU A 273 -11.56 -12.83 1.28
CA GLU A 273 -12.87 -12.51 0.70
C GLU A 273 -13.09 -13.31 -0.58
N LEU A 274 -12.04 -13.44 -1.38
CA LEU A 274 -12.08 -14.16 -2.67
C LEU A 274 -12.29 -15.65 -2.45
N GLU A 275 -11.55 -16.22 -1.50
CA GLU A 275 -11.56 -17.65 -1.25
C GLU A 275 -11.29 -17.93 0.22
N PRO A 276 -12.36 -18.03 1.05
CA PRO A 276 -12.11 -18.11 2.50
C PRO A 276 -11.45 -19.46 2.88
N THR A 277 -10.56 -19.40 3.87
CA THR A 277 -9.89 -20.57 4.36
C THR A 277 -10.72 -21.03 5.59
N PRO A 278 -11.16 -22.30 5.61
CA PRO A 278 -11.89 -22.75 6.78
C PRO A 278 -11.15 -22.59 8.10
N GLY A 279 -11.89 -22.18 9.12
CA GLY A 279 -11.31 -22.04 10.44
C GLY A 279 -10.45 -20.80 10.66
N ARG A 280 -10.42 -19.85 9.73
CA ARG A 280 -9.67 -18.61 9.86
C ARG A 280 -10.62 -17.41 10.10
N PRO A 281 -10.08 -16.34 10.64
CA PRO A 281 -10.81 -15.14 10.85
C PRO A 281 -11.44 -14.63 9.56
N ASP A 282 -12.58 -13.97 9.70
CA ASP A 282 -13.26 -13.33 8.57
C ASP A 282 -12.45 -12.14 8.02
N PRO A 283 -12.70 -11.78 6.75
CA PRO A 283 -12.05 -10.59 6.23
C PRO A 283 -12.24 -9.37 7.09
N LEU A 284 -13.44 -9.12 7.62
CA LEU A 284 -13.65 -7.92 8.46
C LEU A 284 -12.74 -7.93 9.68
N THR A 285 -12.57 -9.06 10.32
CA THR A 285 -11.68 -9.20 11.45
C THR A 285 -10.28 -8.79 11.05
N LEU A 286 -9.84 -9.30 9.92
CA LEU A 286 -8.48 -8.99 9.42
C LEU A 286 -8.30 -7.52 9.08
N TYR A 287 -9.29 -6.89 8.41
CA TYR A 287 -9.19 -5.44 8.13
C TYR A 287 -9.07 -4.67 9.45
N HIS A 288 -9.87 -5.07 10.45
CA HIS A 288 -9.80 -4.37 11.73
C HIS A 288 -8.49 -4.62 12.44
N LYS A 289 -7.85 -5.79 12.23
N LYS A 289 -7.88 -5.82 12.27
CA LYS A 289 -6.51 -6.04 12.80
CA LYS A 289 -6.56 -6.08 12.82
C LYS A 289 -5.48 -5.16 12.13
C LYS A 289 -5.53 -5.18 12.14
N GLY A 290 -5.66 -4.94 10.83
CA GLY A 290 -4.77 -4.03 10.13
C GLY A 290 -4.83 -2.60 10.68
N ILE A 291 -6.07 -2.09 10.89
CA ILE A 291 -6.31 -0.79 11.50
C ILE A 291 -5.66 -0.77 12.94
N ALA A 292 -5.90 -1.82 13.71
CA ALA A 292 -5.33 -1.88 15.08
C ALA A 292 -3.81 -1.81 15.03
N SER A 293 -3.21 -2.53 14.07
CA SER A 293 -1.77 -2.49 13.88
C SER A 293 -1.25 -1.08 13.61
N ALA A 294 -1.97 -0.39 12.69
CA ALA A 294 -1.57 0.95 12.38
C ALA A 294 -1.67 1.91 13.64
N LYS A 295 -2.74 1.74 14.39
CA LYS A 295 -2.92 2.51 15.62
C LYS A 295 -1.83 2.22 16.64
N THR A 296 -1.49 0.94 16.76
CA THR A 296 -0.54 0.48 17.79
C THR A 296 0.88 0.84 17.47
N TYR A 297 1.30 0.62 16.25
CA TYR A 297 2.69 0.74 15.86
C TYR A 297 3.09 1.97 15.11
N TYR A 298 2.10 2.63 14.47
CA TYR A 298 2.37 3.69 13.50
C TYR A 298 1.56 4.98 13.76
N ARG A 299 1.15 5.15 15.01
CA ARG A 299 0.51 6.39 15.48
C ARG A 299 -0.78 6.64 14.75
N ASP A 300 -1.38 5.64 14.16
CA ASP A 300 -2.61 5.83 13.34
C ASP A 300 -2.36 6.83 12.23
N GLU A 301 -1.22 6.76 11.56
CA GLU A 301 -0.83 7.64 10.52
C GLU A 301 -0.87 7.06 9.10
N HIS A 302 -1.38 5.84 9.01
CA HIS A 302 -1.47 5.15 7.72
C HIS A 302 -2.88 5.37 7.13
N ILE A 303 -2.93 5.50 5.79
CA ILE A 303 -4.19 5.73 5.06
C ILE A 303 -4.85 4.45 4.63
N TYR A 304 -4.03 3.51 4.12
CA TYR A 304 -4.62 2.34 3.54
C TYR A 304 -5.39 1.40 4.42
N PRO A 305 -5.13 1.34 5.76
CA PRO A 305 -5.92 0.38 6.54
C PRO A 305 -7.41 0.65 6.39
N TYR A 306 -7.76 1.94 6.42
CA TYR A 306 -9.17 2.33 6.27
C TYR A 306 -9.69 2.18 4.87
N MET A 307 -8.83 2.43 3.89
N MET A 307 -8.85 2.43 3.87
CA MET A 307 -9.23 2.26 2.49
CA MET A 307 -9.27 2.20 2.47
C MET A 307 -9.42 0.78 2.10
C MET A 307 -9.56 0.72 2.24
N TYR A 308 -8.70 -0.16 2.73
CA TYR A 308 -8.98 -1.59 2.58
C TYR A 308 -10.34 -1.94 3.12
N LEU A 309 -10.64 -1.45 4.32
CA LEU A 309 -11.93 -1.70 4.95
C LEU A 309 -13.08 -1.10 4.08
N ALA A 310 -12.92 0.14 3.68
CA ALA A 310 -13.93 0.83 2.86
C ALA A 310 -14.18 0.06 1.61
N GLY A 311 -13.14 -0.42 0.98
CA GLY A 311 -13.30 -1.15 -0.26
C GLY A 311 -14.06 -2.43 -0.11
N TYR A 312 -13.85 -3.14 0.98
CA TYR A 312 -14.64 -4.32 1.24
C TYR A 312 -16.13 -3.99 1.43
N HIS A 313 -16.43 -2.96 2.21
CA HIS A 313 -17.81 -2.57 2.40
C HIS A 313 -18.39 -2.06 1.09
N CYS A 314 -17.65 -1.34 0.27
CA CYS A 314 -18.16 -0.89 -1.01
C CYS A 314 -18.50 -2.09 -1.93
N ARG A 315 -17.65 -3.10 -1.99
CA ARG A 315 -17.91 -4.29 -2.84
C ARG A 315 -19.11 -5.02 -2.38
N ASN A 316 -19.42 -4.97 -1.11
CA ASN A 316 -20.56 -5.61 -0.52
C ASN A 316 -21.78 -4.66 -0.47
N ARG A 317 -21.64 -3.46 -1.06
CA ARG A 317 -22.71 -2.44 -1.22
C ARG A 317 -23.23 -2.08 0.15
N ASN A 318 -22.35 -2.07 1.13
N ASN A 318 -22.37 -2.22 1.21
CA ASN A 318 -22.70 -1.59 2.40
CA ASN A 318 -22.57 -1.79 2.63
C ASN A 318 -22.30 -0.14 2.47
C ASN A 318 -22.38 -0.22 2.76
N VAL A 319 -23.27 0.64 2.19
CA VAL A 319 -22.99 2.05 1.98
C VAL A 319 -22.62 2.76 3.29
N ARG A 320 -23.33 2.47 4.34
CA ARG A 320 -23.09 3.12 5.61
C ARG A 320 -21.69 2.86 6.17
N GLU A 321 -21.26 1.61 6.11
N GLU A 321 -21.27 1.60 6.14
CA GLU A 321 -19.94 1.24 6.64
CA GLU A 321 -19.95 1.22 6.63
C GLU A 321 -18.84 1.70 5.71
C GLU A 321 -18.83 1.69 5.71
N ALA A 322 -19.08 1.71 4.41
CA ALA A 322 -18.11 2.24 3.45
C ALA A 322 -17.88 3.70 3.73
N LEU A 323 -18.98 4.50 3.87
CA LEU A 323 -18.87 5.92 4.17
C LEU A 323 -18.12 6.16 5.51
N GLN A 324 -18.44 5.34 6.50
CA GLN A 324 -17.72 5.53 7.77
C GLN A 324 -16.24 5.32 7.60
N ALA A 325 -15.84 4.27 6.87
CA ALA A 325 -14.46 3.98 6.70
C ALA A 325 -13.75 5.00 5.84
N TRP A 326 -14.41 5.57 4.82
CA TRP A 326 -13.80 6.67 4.09
C TRP A 326 -13.67 7.96 4.93
N ALA A 327 -14.66 8.22 5.77
CA ALA A 327 -14.55 9.34 6.70
C ALA A 327 -13.32 9.15 7.59
N ASP A 328 -13.12 7.91 8.09
CA ASP A 328 -11.95 7.60 8.92
C ASP A 328 -10.65 7.75 8.15
N THR A 329 -10.66 7.35 6.89
N THR A 329 -10.61 7.46 6.84
CA THR A 329 -9.57 7.59 6.02
CA THR A 329 -9.41 7.69 5.99
C THR A 329 -9.19 9.07 6.02
C THR A 329 -9.09 9.16 5.85
N ALA A 330 -10.18 9.93 5.71
CA ALA A 330 -9.97 11.37 5.64
C ALA A 330 -9.50 12.01 6.97
N THR A 331 -9.92 11.39 8.06
CA THR A 331 -9.49 11.86 9.36
C THR A 331 -8.00 11.64 9.59
N VAL A 332 -7.40 10.63 8.93
CA VAL A 332 -5.93 10.45 8.91
C VAL A 332 -5.26 11.44 8.04
N ILE A 333 -5.76 11.59 6.79
CA ILE A 333 -5.07 12.42 5.84
C ILE A 333 -5.01 13.91 6.24
N GLN A 334 -6.02 14.31 7.08
CA GLN A 334 -6.13 15.73 7.39
C GLN A 334 -4.92 16.34 8.06
N ASP A 335 -4.10 15.48 8.73
CA ASP A 335 -2.89 15.92 9.45
C ASP A 335 -1.64 15.81 8.61
N TYR A 336 -1.75 15.61 7.31
CA TYR A 336 -0.64 15.62 6.39
C TYR A 336 -0.63 16.90 5.58
N ASN A 337 0.48 17.23 4.96
CA ASN A 337 0.58 18.21 3.91
C ASN A 337 0.63 17.52 2.59
N TYR A 338 -0.14 17.98 1.59
CA TYR A 338 -0.12 17.42 0.24
C TYR A 338 1.05 17.93 -0.53
N CYS A 339 2.03 17.04 -0.75
CA CYS A 339 3.30 17.41 -1.32
C CYS A 339 3.47 16.76 -2.69
N ARG A 340 4.43 17.27 -3.44
CA ARG A 340 4.84 16.70 -4.67
C ARG A 340 5.42 15.34 -4.25
N GLU A 341 4.95 14.38 -4.94
CA GLU A 341 5.22 12.96 -4.90
C GLU A 341 4.16 12.21 -4.14
N ASP A 342 3.10 12.90 -3.65
CA ASP A 342 1.97 12.26 -3.03
C ASP A 342 0.78 11.94 -3.97
N GLU A 343 1.03 12.03 -5.26
CA GLU A 343 -0.08 11.96 -6.22
C GLU A 343 -0.86 10.69 -6.17
N GLU A 344 -0.31 9.53 -5.76
N GLU A 344 -0.23 9.58 -5.80
CA GLU A 344 -1.14 8.31 -5.74
CA GLU A 344 -0.98 8.35 -5.75
C GLU A 344 -2.24 8.35 -4.71
C GLU A 344 -2.16 8.50 -4.81
N ILE A 345 -1.98 9.05 -3.59
CA ILE A 345 -3.06 9.12 -2.61
C ILE A 345 -4.11 10.19 -3.03
N TYR A 346 -3.66 11.23 -3.70
CA TYR A 346 -4.61 12.19 -4.31
C TYR A 346 -5.53 11.46 -5.29
N LYS A 347 -4.97 10.60 -6.15
CA LYS A 347 -5.78 9.87 -7.09
C LYS A 347 -6.76 8.99 -6.41
N GLU A 348 -6.37 8.31 -5.32
CA GLU A 348 -7.27 7.48 -4.61
C GLU A 348 -8.46 8.27 -4.05
N PHE A 349 -8.17 9.36 -3.35
CA PHE A 349 -9.24 10.20 -2.82
C PHE A 349 -10.17 10.76 -3.93
N PHE A 350 -9.54 11.18 -5.02
CA PHE A 350 -10.29 11.71 -6.15
C PHE A 350 -11.28 10.68 -6.68
N GLU A 351 -10.84 9.44 -6.85
N GLU A 351 -10.75 9.50 -6.95
CA GLU A 351 -11.72 8.40 -7.36
CA GLU A 351 -11.55 8.36 -7.35
C GLU A 351 -12.83 8.01 -6.36
C GLU A 351 -12.73 8.15 -6.41
N VAL A 352 -12.49 8.05 -5.06
CA VAL A 352 -13.53 7.79 -4.11
C VAL A 352 -14.62 8.89 -4.15
N ALA A 353 -14.19 10.14 -4.13
CA ALA A 353 -15.11 11.28 -4.11
C ALA A 353 -15.91 11.42 -5.36
N ASN A 354 -15.25 11.18 -6.51
CA ASN A 354 -15.78 11.63 -7.80
C ASN A 354 -16.20 10.48 -8.68
N ASP A 355 -16.11 9.26 -8.24
CA ASP A 355 -16.52 8.10 -9.02
C ASP A 355 -17.21 7.10 -8.10
N VAL A 356 -16.53 6.59 -7.07
CA VAL A 356 -17.04 5.50 -6.28
C VAL A 356 -18.25 5.92 -5.45
N ILE A 357 -18.11 6.95 -4.63
CA ILE A 357 -19.25 7.42 -3.82
C ILE A 357 -20.47 7.78 -4.74
N PRO A 358 -20.26 8.54 -5.81
CA PRO A 358 -21.42 8.85 -6.67
C PRO A 358 -22.10 7.60 -7.15
N ASN A 359 -21.35 6.57 -7.53
CA ASN A 359 -21.98 5.35 -8.04
C ASN A 359 -22.72 4.59 -6.93
N LEU A 360 -22.14 4.54 -5.74
CA LEU A 360 -22.81 3.93 -4.60
C LEU A 360 -24.13 4.62 -4.29
N LEU A 361 -24.10 5.97 -4.25
CA LEU A 361 -25.30 6.74 -3.89
C LEU A 361 -26.36 6.66 -4.96
N LYS A 362 -25.94 6.59 -6.24
CA LYS A 362 -26.92 6.44 -7.34
C LYS A 362 -27.69 5.16 -7.20
N GLU A 363 -26.99 4.04 -6.96
CA GLU A 363 -27.69 2.77 -6.73
C GLU A 363 -28.56 2.84 -5.49
N ALA A 364 -28.03 3.45 -4.41
CA ALA A 364 -28.82 3.56 -3.20
C ALA A 364 -30.13 4.33 -3.50
N ALA A 365 -30.07 5.39 -4.33
CA ALA A 365 -31.23 6.20 -4.65
C ALA A 365 -32.26 5.33 -5.41
N SER A 366 -31.79 4.49 -6.33
CA SER A 366 -32.70 3.60 -7.10
C SER A 366 -33.34 2.62 -6.19
N LEU A 367 -32.59 2.06 -5.22
CA LEU A 367 -33.13 1.12 -4.28
C LEU A 367 -34.14 1.78 -3.32
N LEU A 368 -33.87 3.03 -2.93
CA LEU A 368 -34.80 3.78 -2.10
C LEU A 368 -36.11 3.97 -2.84
N GLU A 369 -36.05 4.29 -4.11
CA GLU A 369 -37.25 4.52 -4.91
C GLU A 369 -38.09 3.20 -4.93
N ALA A 370 -37.38 2.05 -4.90
CA ALA A 370 -38.00 0.76 -4.87
C ALA A 370 -38.41 0.29 -3.44
N GLY A 371 -38.25 1.16 -2.45
CA GLY A 371 -38.79 0.91 -1.13
C GLY A 371 -37.84 0.31 -0.12
N SER A 372 -36.54 0.46 -0.37
CA SER A 372 -35.60 -0.06 0.60
C SER A 372 -35.83 0.62 1.95
N GLN A 373 -35.63 -0.17 3.01
CA GLN A 373 -35.71 0.30 4.37
C GLN A 373 -34.32 0.30 4.98
N GLY A 374 -34.12 1.23 5.90
CA GLY A 374 -32.82 1.40 6.55
C GLY A 374 -31.71 1.88 5.62
N SER A 375 -32.13 2.53 4.52
CA SER A 375 -31.20 3.08 3.53
C SER A 375 -30.21 4.02 4.19
N ALA A 376 -28.98 4.02 3.71
CA ALA A 376 -27.96 5.00 4.10
C ALA A 376 -28.51 6.38 3.78
N LEU A 377 -29.30 6.52 2.73
CA LEU A 377 -29.76 7.84 2.27
C LEU A 377 -30.80 8.44 3.24
N GLN A 378 -31.36 7.63 4.10
CA GLN A 378 -32.25 8.13 5.12
C GLN A 378 -31.65 8.18 6.52
N ASP A 379 -30.35 7.92 6.60
CA ASP A 379 -29.60 7.88 7.85
C ASP A 379 -28.76 9.12 7.99
N PRO A 380 -29.13 10.01 8.95
CA PRO A 380 -28.32 11.19 9.09
C PRO A 380 -26.82 10.92 9.51
N GLU A 381 -26.56 9.76 10.18
CA GLU A 381 -25.19 9.41 10.48
C GLU A 381 -24.39 9.20 9.21
N CYS A 382 -25.02 8.69 8.15
CA CYS A 382 -24.37 8.52 6.88
C CYS A 382 -24.05 9.82 6.16
N PHE A 383 -25.02 10.77 6.26
CA PHE A 383 -24.76 12.10 5.79
C PHE A 383 -23.56 12.73 6.53
N ALA A 384 -23.57 12.52 7.87
CA ALA A 384 -22.41 13.00 8.68
C ALA A 384 -21.07 12.40 8.21
N HIS A 385 -21.07 11.10 7.88
CA HIS A 385 -19.84 10.49 7.38
C HIS A 385 -19.38 11.14 6.09
N LEU A 386 -20.34 11.38 5.16
CA LEU A 386 -20.00 12.08 3.95
C LEU A 386 -19.32 13.42 4.17
N LEU A 387 -19.95 14.18 5.11
CA LEU A 387 -19.42 15.48 5.49
C LEU A 387 -18.00 15.41 6.13
N ARG A 388 -17.80 14.38 6.97
CA ARG A 388 -16.51 14.23 7.62
C ARG A 388 -15.43 13.85 6.63
N PHE A 389 -15.80 13.08 5.59
CA PHE A 389 -14.88 12.75 4.50
C PHE A 389 -14.40 14.01 3.82
N TYR A 390 -15.37 14.89 3.37
CA TYR A 390 -14.98 16.12 2.77
C TYR A 390 -14.18 17.05 3.73
N ASP A 391 -14.58 17.06 4.99
CA ASP A 391 -13.85 17.91 6.00
C ASP A 391 -12.37 17.55 6.09
N GLY A 392 -12.09 16.23 6.10
CA GLY A 392 -10.70 15.82 6.20
C GLY A 392 -9.91 16.17 4.97
N ILE A 393 -10.53 16.04 3.78
CA ILE A 393 -9.85 16.45 2.58
C ILE A 393 -9.54 17.96 2.56
N CYS A 394 -10.56 18.75 3.00
CA CYS A 394 -10.34 20.19 3.07
C CYS A 394 -9.23 20.57 4.11
N LYS A 395 -9.22 19.85 5.21
CA LYS A 395 -8.20 20.14 6.22
C LYS A 395 -6.79 19.72 5.75
N TRP A 396 -6.71 18.57 5.03
CA TRP A 396 -5.46 18.16 4.37
C TRP A 396 -4.86 19.26 3.55
N GLU A 397 -5.75 19.92 2.75
CA GLU A 397 -5.31 20.99 1.92
C GLU A 397 -4.70 22.20 2.68
N GLU A 398 -5.27 22.48 3.84
CA GLU A 398 -4.77 23.61 4.62
C GLU A 398 -3.28 23.47 4.94
N GLY A 399 -2.52 24.49 4.64
CA GLY A 399 -1.08 24.48 4.88
C GLY A 399 -0.24 23.72 3.86
N SER A 400 -0.87 23.12 2.86
CA SER A 400 -0.15 22.33 1.94
C SER A 400 0.51 23.17 0.91
N PRO A 401 1.62 22.67 0.35
CA PRO A 401 2.29 23.51 -0.65
C PRO A 401 1.62 23.51 -2.01
N THR A 402 0.73 22.54 -2.11
CA THR A 402 0.04 22.18 -3.34
C THR A 402 -1.46 22.13 -3.01
N PRO A 403 -2.40 22.79 -3.75
CA PRO A 403 -3.84 22.63 -3.46
C PRO A 403 -4.39 21.27 -3.84
N VAL A 404 -5.54 20.94 -3.27
CA VAL A 404 -6.21 19.68 -3.48
C VAL A 404 -7.48 19.84 -4.31
N LEU A 405 -8.35 20.70 -3.82
CA LEU A 405 -9.69 20.84 -4.37
C LEU A 405 -9.71 21.76 -5.56
N HIS A 406 -10.62 21.48 -6.48
CA HIS A 406 -10.91 22.38 -7.63
C HIS A 406 -12.35 22.13 -8.02
N VAL A 407 -12.81 22.93 -9.03
CA VAL A 407 -14.21 22.93 -9.37
C VAL A 407 -14.70 21.55 -9.87
N GLY A 408 -13.75 20.73 -10.40
CA GLY A 408 -14.05 19.41 -10.85
C GLY A 408 -14.51 18.49 -9.75
N TRP A 409 -14.19 18.81 -8.46
CA TRP A 409 -14.72 18.13 -7.29
C TRP A 409 -16.12 18.67 -6.87
N ALA A 410 -16.35 19.93 -7.15
CA ALA A 410 -17.52 20.61 -6.62
C ALA A 410 -18.80 20.07 -7.18
N THR A 411 -18.80 19.73 -8.45
CA THR A 411 -19.98 19.18 -9.05
C THR A 411 -20.45 17.87 -8.39
N PHE A 412 -19.47 16.98 -8.12
CA PHE A 412 -19.77 15.73 -7.46
C PHE A 412 -20.19 15.92 -5.99
N LEU A 413 -19.60 16.88 -5.29
CA LEU A 413 -20.06 17.19 -3.93
C LEU A 413 -21.55 17.60 -3.93
N VAL A 414 -21.89 18.54 -4.83
CA VAL A 414 -23.30 19.01 -4.89
C VAL A 414 -24.26 17.85 -5.17
N GLN A 415 -23.88 16.97 -6.10
CA GLN A 415 -24.70 15.83 -6.45
C GLN A 415 -24.86 14.82 -5.27
N SER A 416 -23.72 14.57 -4.60
CA SER A 416 -23.73 13.63 -3.47
C SER A 416 -24.59 14.18 -2.28
N LEU A 417 -24.38 15.47 -1.99
CA LEU A 417 -25.18 16.11 -0.91
C LEU A 417 -26.67 15.96 -1.23
N GLY A 418 -27.01 16.19 -2.52
CA GLY A 418 -28.42 16.16 -2.97
C GLY A 418 -29.06 14.79 -2.99
N ARG A 419 -28.27 13.72 -2.86
CA ARG A 419 -28.84 12.36 -2.73
C ARG A 419 -29.54 12.14 -1.41
N PHE A 420 -29.24 13.00 -0.40
CA PHE A 420 -29.88 12.98 0.88
C PHE A 420 -30.96 14.06 0.91
N GLU A 421 -32.19 13.66 1.24
CA GLU A 421 -33.25 14.64 1.32
C GLU A 421 -32.96 15.66 2.40
N GLY A 422 -33.49 16.87 2.26
CA GLY A 422 -33.31 17.92 3.23
C GLY A 422 -33.70 17.51 4.64
N GLN A 423 -34.76 16.72 4.85
CA GLN A 423 -35.19 16.27 6.13
C GLN A 423 -34.20 15.31 6.81
N VAL A 424 -33.40 14.63 6.03
CA VAL A 424 -32.30 13.82 6.57
C VAL A 424 -31.15 14.75 6.93
N ARG A 425 -30.77 15.62 6.04
CA ARG A 425 -29.63 16.48 6.23
C ARG A 425 -29.81 17.40 7.46
N GLN A 426 -31.05 17.83 7.69
CA GLN A 426 -31.37 18.70 8.85
C GLN A 426 -31.02 18.04 10.16
N LYS A 427 -31.05 16.72 10.25
CA LYS A 427 -30.87 16.02 11.51
C LYS A 427 -29.45 16.03 12.02
N VAL A 428 -28.47 16.38 11.19
CA VAL A 428 -27.08 16.44 11.65
C VAL A 428 -26.90 17.81 12.34
N ARG A 429 -26.41 17.80 13.58
CA ARG A 429 -26.05 19.02 14.34
C ARG A 429 -24.54 19.22 14.15
N ILE A 430 -24.21 20.35 13.55
CA ILE A 430 -22.83 20.75 13.32
C ILE A 430 -22.46 21.66 14.46
N VAL A 431 -21.59 21.11 15.33
CA VAL A 431 -21.18 21.76 16.61
C VAL A 431 -19.78 22.32 16.46
N SER A 432 -19.56 23.46 17.08
CA SER A 432 -18.31 24.16 17.00
C SER A 432 -17.48 23.81 18.21
N VAL A 433 -16.18 23.89 18.03
CA VAL A 433 -15.28 23.94 19.14
C VAL A 433 -14.73 25.38 19.12
N PRO A 434 -14.82 26.06 20.29
CA PRO A 434 -15.12 25.54 21.64
C PRO A 434 -16.60 25.29 21.91
C GLY A 444 -27.71 13.04 16.56
N PRO A 445 -27.23 12.85 15.32
CA PRO A 445 -25.81 12.98 15.04
C PRO A 445 -25.31 14.37 15.28
N VAL A 446 -24.09 14.38 15.77
CA VAL A 446 -23.34 15.56 16.01
C VAL A 446 -22.03 15.40 15.27
N LEU A 447 -21.58 16.48 14.66
CA LEU A 447 -20.35 16.48 13.90
C LEU A 447 -19.67 17.81 14.22
N THR A 448 -18.34 17.75 14.34
CA THR A 448 -17.47 18.96 14.41
C THR A 448 -16.59 19.00 13.19
N PHE A 449 -16.48 20.13 12.56
CA PHE A 449 -15.60 20.35 11.42
C PHE A 449 -14.24 20.86 11.86
N GLN A 450 -13.20 20.34 11.27
CA GLN A 450 -11.85 20.79 11.46
C GLN A 450 -11.43 21.81 10.45
N SER A 451 -12.00 21.76 9.23
CA SER A 451 -11.56 22.61 8.14
C SER A 451 -12.38 23.91 8.08
N GLU A 452 -11.71 24.98 7.71
CA GLU A 452 -12.43 26.25 7.52
C GLU A 452 -13.39 26.17 6.32
N LYS A 453 -13.06 25.42 5.25
CA LYS A 453 -13.99 25.33 4.16
C LYS A 453 -15.27 24.73 4.59
N MET A 454 -15.30 23.65 5.34
CA MET A 454 -16.57 23.03 5.71
C MET A 454 -17.31 23.89 6.70
N LYS A 455 -16.59 24.53 7.64
CA LYS A 455 -17.27 25.44 8.58
C LYS A 455 -18.08 26.50 7.85
N GLY A 456 -17.55 27.03 6.80
CA GLY A 456 -18.30 28.05 6.04
C GLY A 456 -19.40 27.45 5.18
N MET A 457 -19.45 26.16 5.01
N MET A 457 -19.24 26.19 4.83
CA MET A 457 -20.46 25.55 4.16
CA MET A 457 -20.26 25.44 4.15
C MET A 457 -21.63 25.11 5.01
C MET A 457 -21.51 25.19 4.95
N LYS A 458 -21.42 25.15 6.30
CA LYS A 458 -22.42 24.64 7.24
C LYS A 458 -23.84 25.11 6.86
N GLU A 459 -23.92 26.41 6.70
CA GLU A 459 -25.09 27.19 6.38
C GLU A 459 -25.88 26.69 5.16
N LEU A 460 -25.21 26.08 4.23
CA LEU A 460 -25.74 25.58 2.95
C LEU A 460 -26.22 24.15 3.02
N LEU A 461 -25.90 23.43 4.06
CA LEU A 461 -26.06 21.96 4.03
C LEU A 461 -27.46 21.46 4.31
N VAL A 462 -28.43 22.31 4.71
CA VAL A 462 -29.82 21.90 5.12
C VAL A 462 -30.98 22.38 4.25
N ALA A 463 -30.70 23.20 3.24
CA ALA A 463 -31.73 23.70 2.30
C ALA A 463 -32.33 22.53 1.53
N THR A 464 -33.62 22.61 1.27
CA THR A 464 -34.26 21.57 0.54
C THR A 464 -33.63 21.36 -0.84
N LYS A 465 -33.35 22.47 -1.53
CA LYS A 465 -32.54 22.46 -2.76
C LYS A 465 -31.26 23.19 -2.40
N ILE A 466 -30.19 22.45 -2.46
CA ILE A 466 -28.88 22.97 -2.17
C ILE A 466 -28.54 24.05 -3.22
N ASN A 467 -27.90 25.08 -2.72
CA ASN A 467 -27.41 26.18 -3.56
C ASN A 467 -26.09 25.77 -4.18
N SER A 468 -26.21 25.20 -5.36
N SER A 468 -26.08 25.19 -5.38
CA SER A 468 -25.10 24.63 -6.05
CA SER A 468 -24.86 24.66 -6.03
C SER A 468 -23.95 25.61 -6.18
C SER A 468 -23.81 25.73 -6.31
N SER A 469 -24.17 26.78 -6.82
N SER A 469 -24.30 26.92 -6.62
CA SER A 469 -23.14 27.79 -7.02
CA SER A 469 -23.35 27.91 -6.99
C SER A 469 -22.48 28.23 -5.69
C SER A 469 -22.54 28.34 -5.74
N ALA A 470 -23.25 28.46 -4.62
CA ALA A 470 -22.65 28.86 -3.35
C ALA A 470 -21.69 27.75 -2.83
N ILE A 471 -22.09 26.51 -2.97
CA ILE A 471 -21.22 25.37 -2.61
C ILE A 471 -19.95 25.41 -3.36
N LYS A 472 -20.08 25.53 -4.67
CA LYS A 472 -18.92 25.61 -5.48
C LYS A 472 -17.95 26.69 -5.04
N LEU A 473 -18.50 27.88 -4.77
CA LEU A 473 -17.70 28.97 -4.34
C LEU A 473 -16.95 28.65 -3.01
N GLN A 474 -17.64 28.03 -2.10
CA GLN A 474 -17.07 27.71 -0.81
C GLN A 474 -16.04 26.61 -0.92
N LEU A 475 -16.23 25.60 -1.76
CA LEU A 475 -15.27 24.49 -1.85
C LEU A 475 -13.98 24.88 -2.54
N THR A 476 -14.06 25.80 -3.48
CA THR A 476 -12.90 26.14 -4.30
C THR A 476 -12.30 27.46 -3.91
N ALA A 477 -13.02 28.14 -3.04
CA ALA A 477 -12.68 29.44 -2.50
C ALA A 477 -12.51 30.42 -3.67
N GLN A 478 -13.32 30.18 -4.71
CA GLN A 478 -13.40 30.98 -5.94
C GLN A 478 -13.85 32.30 -5.47
N SER A 479 -13.25 33.34 -5.99
CA SER A 479 -13.52 34.69 -5.37
C SER A 479 -14.81 35.31 -6.02
N GLN A 480 -14.96 35.04 -7.33
CA GLN A 480 -15.89 35.76 -8.23
C GLN A 480 -16.83 34.87 -9.06
N VAL A 481 -17.98 35.41 -9.45
CA VAL A 481 -18.85 34.77 -10.47
C VAL A 481 -18.66 35.45 -11.81
N GLN A 482 -19.30 34.90 -12.85
CA GLN A 482 -19.08 35.42 -14.23
C GLN A 482 -19.57 36.89 -14.38
N MET A 483 -18.80 37.68 -15.12
CA MET A 483 -19.07 39.13 -15.26
C MET A 483 -20.42 39.38 -15.90
N LYS A 484 -20.70 38.75 -17.02
CA LYS A 484 -21.92 39.02 -17.83
C LYS A 484 -23.11 38.17 -17.35
#